data_3SGG
#
_entry.id   3SGG
#
_cell.length_a   161.915
_cell.length_b   49.370
_cell.length_c   71.359
_cell.angle_alpha   90.000
_cell.angle_beta   114.450
_cell.angle_gamma   90.000
#
_symmetry.space_group_name_H-M   'C 1 2 1'
#
loop_
_entity.id
_entity.type
_entity.pdbx_description
1 polymer 'Hypothetical hydrolase'
2 non-polymer GLYCEROL
3 water water
#
_entity_poly.entity_id   1
_entity_poly.type   'polypeptide(L)'
_entity_poly.pdbx_seq_one_letter_code
;GAGVVVPKYTPSTENPGGPGEEPGDGLIDPAEPLDRGF(MSE)HLKGRELKSLNSISITGLNDGEKVILSTLAGLAARVT
GDQVYINEGGPSSVWLKQ(MSE)QNKYGIPVNTYNALAPLVQHYVETGVIKGYIVYTPYSEGQSHSINVATSLCGLLRGI
AVPESLVDKVKA(MSE)GVTTEL(MSE)DVRSYDEKWLYENYKDQLDKSLAAD(MSE)KPEIFHHLRDYIT(MSE)TNAF
AFYDYNARRDWSWRTSILKDLDKGAYCFGYYDLDEWG(MSE)VNNASQLGVS(MSE)LPTDQAANLATLSSIYDTTGLKQ
RPATKEVVTEENVHYVTFLVSDGDNIAFNLWGQQGY(MSE)DHDLHGQFPLGYTISPSLYDLAPAALRWYYENSKEGDYF
VAGPSGSSYIFPSK(MSE)SDADLDDYLAKLNEYVDKSGLNICNILDQKI(MSE)DNPKVYNKYLAQPNIDAIFYTGYGE
KGDGRIKFSDNGKPVIEQRSVLWEGIDGGSNRGEESTVISQINSRSANPHSADGYTFVFVHCWTKNQQSIKTVIDGLNDN
VRVVPVDQFVQLVKQNLGPK
;
_entity_poly.pdbx_strand_id   A
#
loop_
_chem_comp.id
_chem_comp.type
_chem_comp.name
_chem_comp.formula
GOL non-polymer GLYCEROL 'C3 H8 O3'
#
# COMPACT_ATOMS: atom_id res chain seq x y z
N ASP A 25 16.56 -19.27 24.59
CA ASP A 25 15.68 -19.16 23.40
C ASP A 25 16.48 -18.72 22.16
N GLY A 26 17.30 -17.67 22.27
CA GLY A 26 17.78 -16.96 21.07
C GLY A 26 16.61 -16.12 20.53
N LEU A 27 15.66 -15.87 21.42
CA LEU A 27 14.50 -15.07 21.10
C LEU A 27 14.56 -13.75 21.84
N ILE A 28 14.00 -12.73 21.23
CA ILE A 28 13.85 -11.45 21.86
CA ILE A 28 13.83 -11.43 21.84
C ILE A 28 12.58 -11.46 22.70
N ASP A 29 12.62 -10.87 23.89
CA ASP A 29 11.46 -10.82 24.78
C ASP A 29 10.33 -10.11 24.02
N PRO A 30 9.11 -10.72 24.00
CA PRO A 30 7.99 -10.11 23.27
C PRO A 30 7.57 -8.75 23.83
N ALA A 31 7.96 -8.44 25.07
CA ALA A 31 7.67 -7.15 25.65
C ALA A 31 8.60 -6.03 25.16
N GLU A 32 9.74 -6.37 24.57
CA GLU A 32 10.61 -5.34 24.01
CA GLU A 32 10.62 -5.35 24.01
CA GLU A 32 10.63 -5.35 24.01
C GLU A 32 9.93 -4.66 22.83
N PRO A 33 9.97 -3.32 22.78
CA PRO A 33 9.38 -2.64 21.63
CA PRO A 33 9.39 -2.65 21.64
C PRO A 33 10.05 -3.04 20.32
N LEU A 34 9.27 -3.02 19.24
CA LEU A 34 9.79 -3.17 17.90
C LEU A 34 10.62 -1.96 17.53
N ASP A 35 11.56 -2.18 16.63
CA ASP A 35 12.22 -1.07 15.94
C ASP A 35 11.28 -0.45 14.92
N ARG A 36 11.54 0.80 14.58
CA ARG A 36 10.80 1.55 13.58
CA ARG A 36 10.81 1.55 13.60
C ARG A 36 11.78 2.05 12.55
N GLY A 37 11.34 2.02 11.30
CA GLY A 37 12.01 2.80 10.27
C GLY A 37 11.67 4.26 10.48
N PHE A 38 11.89 5.08 9.49
CA PHE A 38 11.46 6.48 9.62
C PHE A 38 9.95 6.59 9.82
N MSE A 39 9.20 5.66 9.25
CA MSE A 39 7.71 5.72 9.32
CA MSE A 39 7.72 5.70 9.29
C MSE A 39 7.07 4.54 10.03
O MSE A 39 6.20 4.74 10.88
CB MSE A 39 7.15 5.82 7.91
CB MSE A 39 7.18 5.71 7.86
CG MSE A 39 7.61 7.03 7.17
CG MSE A 39 5.76 6.20 7.77
SE MSE A 39 7.06 8.75 7.93
SE MSE A 39 5.71 8.11 8.08
CE MSE A 39 5.11 8.50 7.78
CE MSE A 39 6.35 8.70 6.34
N HIS A 40 7.51 3.31 9.75
CA HIS A 40 6.74 2.11 10.15
C HIS A 40 7.51 1.16 11.06
N LEU A 41 6.74 0.47 11.90
CA LEU A 41 7.29 -0.63 12.69
C LEU A 41 7.76 -1.77 11.76
N LYS A 42 8.91 -2.33 12.12
CA LYS A 42 9.59 -3.36 11.36
C LYS A 42 9.87 -4.55 12.26
N GLY A 43 9.86 -5.75 11.69
CA GLY A 43 10.14 -6.96 12.44
C GLY A 43 11.62 -7.10 12.79
N ARG A 44 11.92 -8.08 13.59
CA ARG A 44 13.30 -8.36 13.98
C ARG A 44 14.11 -8.72 12.73
N GLU A 45 15.37 -8.26 12.70
CA GLU A 45 16.12 -8.34 11.47
CA GLU A 45 16.20 -8.36 11.52
C GLU A 45 16.16 -9.76 10.91
N LEU A 46 15.81 -9.84 9.65
CA LEU A 46 15.59 -11.12 8.99
C LEU A 46 16.90 -11.89 8.87
N LYS A 47 16.85 -13.16 9.26
CA LYS A 47 18.00 -14.05 9.16
CA LYS A 47 18.01 -14.05 9.17
C LYS A 47 17.73 -15.31 8.34
N SER A 48 16.49 -15.81 8.34
CA SER A 48 16.14 -17.06 7.65
CA SER A 48 16.16 -17.03 7.61
C SER A 48 14.67 -17.01 7.29
N LEU A 49 14.30 -17.63 6.19
CA LEU A 49 12.92 -17.71 5.74
C LEU A 49 12.44 -19.15 5.67
N ASN A 50 11.26 -19.41 6.21
CA ASN A 50 10.57 -20.69 6.16
C ASN A 50 9.34 -20.50 5.30
N SER A 51 9.48 -20.93 4.06
CA SER A 51 8.53 -20.70 3.02
C SER A 51 7.60 -21.87 2.83
N ILE A 52 6.31 -21.58 2.67
CA ILE A 52 5.26 -22.58 2.55
C ILE A 52 4.25 -22.07 1.54
N SER A 53 3.78 -22.99 0.72
CA SER A 53 2.80 -22.70 -0.28
C SER A 53 1.46 -22.59 0.36
N ILE A 54 0.68 -21.69 -0.23
CA ILE A 54 -0.68 -21.43 0.16
C ILE A 54 -1.63 -22.55 -0.32
N THR A 55 -1.17 -23.33 -1.29
CA THR A 55 -2.06 -24.30 -1.96
C THR A 55 -2.49 -25.41 -1.01
N GLY A 56 -3.79 -25.69 -0.99
CA GLY A 56 -4.32 -26.80 -0.20
C GLY A 56 -4.60 -26.53 1.25
N LEU A 57 -4.43 -25.29 1.69
CA LEU A 57 -4.78 -24.89 3.05
C LEU A 57 -6.21 -24.35 3.10
N ASN A 58 -6.95 -24.69 4.16
CA ASN A 58 -8.29 -24.09 4.39
C ASN A 58 -8.21 -22.74 5.09
N ASP A 59 -9.35 -22.09 5.30
CA ASP A 59 -9.41 -20.76 5.88
C ASP A 59 -8.74 -20.69 7.27
N GLY A 60 -9.04 -21.65 8.14
CA GLY A 60 -8.46 -21.71 9.47
C GLY A 60 -6.97 -21.90 9.45
N GLU A 61 -6.48 -22.74 8.57
CA GLU A 61 -5.05 -22.97 8.43
CA GLU A 61 -5.03 -22.95 8.43
C GLU A 61 -4.32 -21.68 7.98
N LYS A 62 -4.99 -20.92 7.12
CA LYS A 62 -4.47 -19.62 6.69
C LYS A 62 -4.34 -18.59 7.83
N VAL A 63 -5.27 -18.64 8.77
CA VAL A 63 -5.24 -17.77 9.94
C VAL A 63 -4.14 -18.23 10.89
N ILE A 64 -4.02 -19.52 11.12
CA ILE A 64 -2.91 -20.06 11.88
C ILE A 64 -1.59 -19.59 11.30
N LEU A 65 -1.43 -19.72 10.00
CA LEU A 65 -0.18 -19.42 9.35
C LEU A 65 0.18 -17.93 9.44
N SER A 66 -0.80 -17.06 9.20
CA SER A 66 -0.52 -15.62 9.23
CA SER A 66 -0.54 -15.63 9.24
C SER A 66 -0.26 -15.12 10.66
N THR A 67 -1.01 -15.61 11.65
CA THR A 67 -0.75 -15.19 13.02
C THR A 67 0.58 -15.74 13.50
N LEU A 68 0.96 -16.93 13.07
CA LEU A 68 2.28 -17.50 13.34
C LEU A 68 3.37 -16.60 12.77
N ALA A 69 3.22 -16.16 11.52
CA ALA A 69 4.21 -15.30 10.92
C ALA A 69 4.41 -14.06 11.78
N GLY A 70 3.31 -13.52 12.29
CA GLY A 70 3.40 -12.34 13.17
C GLY A 70 4.05 -12.64 14.48
N LEU A 71 3.80 -13.83 15.03
CA LEU A 71 4.51 -14.24 16.22
C LEU A 71 6.02 -14.20 16.03
N ALA A 72 6.45 -14.85 14.96
CA ALA A 72 7.87 -15.01 14.73
C ALA A 72 8.53 -13.67 14.52
N ALA A 73 7.94 -12.79 13.73
CA ALA A 73 8.57 -11.55 13.33
C ALA A 73 8.79 -10.63 14.55
N ARG A 74 8.03 -10.80 15.63
CA ARG A 74 8.26 -10.02 16.83
C ARG A 74 9.46 -10.47 17.67
N VAL A 75 9.86 -11.72 17.55
CA VAL A 75 10.84 -12.28 18.50
C VAL A 75 12.08 -12.90 17.85
N THR A 76 12.09 -13.08 16.53
CA THR A 76 13.21 -13.74 15.89
C THR A 76 13.36 -13.31 14.45
N GLY A 77 14.58 -13.49 13.93
CA GLY A 77 14.88 -13.34 12.53
C GLY A 77 14.57 -14.58 11.68
N ASP A 78 14.14 -15.66 12.33
CA ASP A 78 13.72 -16.90 11.66
C ASP A 78 12.22 -16.83 11.36
N GLN A 79 11.90 -16.39 10.15
CA GLN A 79 10.56 -15.90 9.86
C GLN A 79 9.84 -16.71 8.81
N VAL A 80 8.54 -16.50 8.70
CA VAL A 80 7.66 -17.27 7.82
C VAL A 80 7.42 -16.54 6.49
N TYR A 81 7.36 -17.25 5.38
CA TYR A 81 6.93 -16.64 4.14
C TYR A 81 5.84 -17.49 3.53
N ILE A 82 4.73 -16.84 3.20
CA ILE A 82 3.60 -17.44 2.55
C ILE A 82 3.78 -17.23 1.07
N ASN A 83 4.15 -18.31 0.39
CA ASN A 83 4.48 -18.25 -1.02
C ASN A 83 3.25 -18.58 -1.84
N GLU A 84 2.70 -17.55 -2.49
CA GLU A 84 1.52 -17.65 -3.33
CA GLU A 84 1.52 -17.73 -3.34
C GLU A 84 1.86 -17.78 -4.82
N GLY A 85 3.14 -17.91 -5.12
CA GLY A 85 3.61 -17.92 -6.48
C GLY A 85 3.58 -16.54 -7.10
N GLY A 86 3.85 -16.44 -8.38
CA GLY A 86 3.70 -15.18 -9.09
C GLY A 86 4.54 -14.11 -8.42
N PRO A 87 3.97 -12.92 -8.22
CA PRO A 87 4.74 -11.85 -7.57
C PRO A 87 5.33 -12.26 -6.22
N SER A 88 4.62 -13.09 -5.45
CA SER A 88 5.11 -13.52 -4.14
CA SER A 88 5.17 -13.49 -4.15
C SER A 88 6.46 -14.26 -4.28
N SER A 89 6.60 -15.04 -5.35
CA SER A 89 7.83 -15.78 -5.59
C SER A 89 8.96 -14.81 -5.94
N VAL A 90 8.61 -13.73 -6.65
CA VAL A 90 9.60 -12.73 -7.04
C VAL A 90 10.22 -12.13 -5.78
N TRP A 91 9.38 -11.72 -4.80
CA TRP A 91 9.94 -11.09 -3.63
C TRP A 91 10.80 -12.05 -2.81
N LEU A 92 10.39 -13.32 -2.77
CA LEU A 92 11.14 -14.33 -2.03
C LEU A 92 12.52 -14.49 -2.64
N LYS A 93 12.56 -14.63 -3.96
CA LYS A 93 13.85 -14.81 -4.66
CA LYS A 93 13.85 -14.80 -4.66
C LYS A 93 14.71 -13.56 -4.55
N GLN A 94 14.08 -12.38 -4.56
CA GLN A 94 14.82 -11.15 -4.38
C GLN A 94 15.52 -11.14 -3.02
N MSE A 95 14.81 -11.52 -1.95
CA MSE A 95 15.44 -11.58 -0.63
C MSE A 95 16.58 -12.61 -0.57
O MSE A 95 17.63 -12.36 -0.02
CB MSE A 95 14.45 -11.83 0.48
CG MSE A 95 13.46 -10.69 0.63
SE MSE A 95 12.31 -10.80 2.17
CE MSE A 95 11.03 -12.10 1.51
N GLN A 96 16.40 -13.73 -1.21
CA GLN A 96 17.43 -14.76 -1.26
CA GLN A 96 17.39 -14.77 -1.17
C GLN A 96 18.64 -14.26 -1.94
N ASN A 97 18.44 -13.66 -3.10
CA ASN A 97 19.55 -13.29 -3.98
C ASN A 97 20.24 -11.97 -3.61
N LYS A 98 19.49 -10.93 -3.23
CA LYS A 98 20.08 -9.63 -2.91
C LYS A 98 20.53 -9.49 -1.48
N TYR A 99 19.92 -10.27 -0.58
CA TYR A 99 20.25 -10.09 0.82
C TYR A 99 20.84 -11.35 1.44
N GLY A 100 21.00 -12.38 0.61
CA GLY A 100 21.65 -13.60 1.04
C GLY A 100 20.87 -14.38 2.10
N ILE A 101 19.56 -14.25 2.11
CA ILE A 101 18.76 -14.89 3.15
C ILE A 101 18.51 -16.36 2.76
N PRO A 102 18.90 -17.33 3.63
CA PRO A 102 18.57 -18.72 3.34
C PRO A 102 17.07 -18.98 3.42
N VAL A 103 16.61 -19.88 2.56
CA VAL A 103 15.23 -20.27 2.48
C VAL A 103 15.10 -21.76 2.75
N ASN A 104 14.30 -22.08 3.75
CA ASN A 104 13.88 -23.44 4.04
C ASN A 104 12.46 -23.58 3.57
N THR A 105 12.19 -24.63 2.79
CA THR A 105 10.85 -24.87 2.33
CA THR A 105 10.88 -24.93 2.26
C THR A 105 10.18 -25.95 3.15
N TYR A 106 8.89 -25.72 3.39
CA TYR A 106 8.03 -26.60 4.14
C TYR A 106 6.89 -27.02 3.23
N ASN A 107 6.68 -28.33 3.11
CA ASN A 107 5.66 -28.86 2.22
C ASN A 107 4.27 -28.99 2.87
N ALA A 108 4.13 -28.63 4.13
CA ALA A 108 2.90 -28.79 4.87
C ALA A 108 2.93 -27.90 6.09
N LEU A 109 1.76 -27.54 6.60
CA LEU A 109 1.64 -26.68 7.76
C LEU A 109 2.15 -27.35 9.04
N ALA A 110 1.85 -28.64 9.23
CA ALA A 110 2.18 -29.30 10.50
C ALA A 110 3.68 -29.17 10.88
N PRO A 111 4.60 -29.50 9.96
CA PRO A 111 6.02 -29.39 10.35
C PRO A 111 6.50 -27.95 10.56
N LEU A 112 5.85 -27.00 9.90
CA LEU A 112 6.19 -25.59 10.11
C LEU A 112 5.77 -25.15 11.51
N VAL A 113 4.56 -25.50 11.90
CA VAL A 113 4.06 -25.21 13.24
C VAL A 113 4.95 -25.90 14.27
N GLN A 114 5.27 -27.18 14.05
CA GLN A 114 6.15 -27.89 14.98
C GLN A 114 7.50 -27.20 15.12
N HIS A 115 8.07 -26.72 14.03
CA HIS A 115 9.31 -25.99 14.11
C HIS A 115 9.22 -24.84 15.14
N TYR A 116 8.13 -24.08 15.10
CA TYR A 116 7.99 -22.92 15.92
C TYR A 116 7.54 -23.26 17.33
N VAL A 117 7.00 -24.46 17.52
CA VAL A 117 6.86 -24.98 18.90
C VAL A 117 8.25 -25.27 19.47
N GLU A 118 9.07 -25.95 18.70
CA GLU A 118 10.41 -26.34 19.18
CA GLU A 118 10.44 -26.34 19.11
C GLU A 118 11.32 -25.13 19.45
N THR A 119 11.23 -24.09 18.62
CA THR A 119 12.09 -22.92 18.82
C THR A 119 11.57 -21.98 19.91
N GLY A 120 10.39 -22.27 20.47
CA GLY A 120 9.90 -21.51 21.61
C GLY A 120 9.02 -20.33 21.27
N VAL A 121 8.67 -20.19 19.98
CA VAL A 121 7.89 -19.04 19.56
C VAL A 121 6.40 -19.22 19.92
N ILE A 122 5.85 -20.40 19.66
CA ILE A 122 4.43 -20.63 19.94
C ILE A 122 4.24 -21.11 21.36
N LYS A 123 3.47 -20.38 22.17
CA LYS A 123 3.19 -20.78 23.53
C LYS A 123 1.83 -21.46 23.69
N GLY A 124 0.96 -21.40 22.71
CA GLY A 124 -0.35 -22.01 22.75
C GLY A 124 -1.23 -21.46 21.67
N TYR A 125 -2.54 -21.67 21.82
CA TYR A 125 -3.52 -21.20 20.85
C TYR A 125 -4.62 -20.36 21.52
N ILE A 126 -5.26 -19.55 20.69
CA ILE A 126 -6.40 -18.73 21.07
C ILE A 126 -7.55 -19.15 20.18
N VAL A 127 -8.62 -19.67 20.79
CA VAL A 127 -9.70 -20.23 20.00
CA VAL A 127 -9.76 -20.21 20.02
C VAL A 127 -10.76 -19.16 19.71
N TYR A 128 -11.20 -19.14 18.45
CA TYR A 128 -12.21 -18.19 18.01
C TYR A 128 -13.31 -18.90 17.21
N THR A 129 -14.36 -18.15 16.92
CA THR A 129 -15.47 -18.66 16.10
C THR A 129 -15.44 -17.94 14.74
N PRO A 130 -15.45 -18.69 13.63
CA PRO A 130 -15.37 -18.01 12.34
C PRO A 130 -16.61 -17.15 12.04
N TYR A 131 -16.43 -16.14 11.18
CA TYR A 131 -17.52 -15.26 10.75
C TYR A 131 -18.65 -16.03 10.08
N SER A 132 -18.32 -17.14 9.43
CA SER A 132 -19.34 -17.99 8.82
C SER A 132 -20.37 -18.47 9.86
N GLU A 133 -20.01 -18.47 11.14
CA GLU A 133 -20.96 -18.79 12.23
C GLU A 133 -21.44 -17.55 13.00
N GLY A 134 -22.64 -17.08 12.67
CA GLY A 134 -23.25 -15.98 13.39
C GLY A 134 -22.59 -14.63 13.21
N GLN A 135 -21.82 -14.46 12.14
CA GLN A 135 -21.16 -13.18 11.86
C GLN A 135 -20.21 -12.76 12.98
N SER A 136 -19.57 -13.72 13.63
CA SER A 136 -18.65 -13.43 14.71
C SER A 136 -17.45 -12.62 14.22
N HIS A 137 -17.07 -11.62 15.00
CA HIS A 137 -15.84 -10.88 14.72
C HIS A 137 -14.70 -11.41 15.57
N SER A 138 -14.88 -12.55 16.21
CA SER A 138 -13.90 -13.03 17.20
C SER A 138 -12.54 -13.31 16.58
N ILE A 139 -12.49 -13.56 15.27
CA ILE A 139 -11.19 -13.70 14.59
C ILE A 139 -10.28 -12.47 14.83
N ASN A 140 -10.90 -11.28 14.86
CA ASN A 140 -10.15 -10.04 15.08
C ASN A 140 -9.68 -9.91 16.52
N VAL A 141 -10.51 -10.36 17.45
CA VAL A 141 -10.11 -10.39 18.85
C VAL A 141 -8.90 -11.33 19.02
N ALA A 142 -9.01 -12.53 18.46
CA ALA A 142 -7.90 -13.49 18.54
C ALA A 142 -6.64 -12.91 17.91
N THR A 143 -6.75 -12.32 16.72
CA THR A 143 -5.57 -11.79 16.01
C THR A 143 -4.82 -10.76 16.85
N SER A 144 -5.54 -9.81 17.45
CA SER A 144 -4.92 -8.73 18.22
C SER A 144 -4.33 -9.27 19.52
N LEU A 145 -4.90 -10.37 20.06
CA LEU A 145 -4.35 -10.97 21.27
C LEU A 145 -3.17 -11.90 21.03
N CYS A 146 -3.00 -12.39 19.81
CA CYS A 146 -1.95 -13.37 19.55
C CYS A 146 -0.58 -12.91 19.96
N GLY A 147 -0.22 -11.68 19.62
CA GLY A 147 1.10 -11.19 19.95
C GLY A 147 1.29 -10.85 21.40
N LEU A 148 0.20 -10.59 22.10
CA LEU A 148 0.25 -10.34 23.52
C LEU A 148 0.42 -11.65 24.30
N LEU A 149 -0.37 -12.67 23.96
CA LEU A 149 -0.40 -13.94 24.71
C LEU A 149 0.61 -14.96 24.16
N ARG A 150 1.13 -14.68 22.98
CA ARG A 150 2.10 -15.54 22.26
C ARG A 150 1.45 -16.83 21.77
N GLY A 151 0.31 -16.66 21.13
CA GLY A 151 -0.48 -17.75 20.59
C GLY A 151 -0.76 -17.62 19.09
N ILE A 152 -1.10 -18.73 18.49
CA ILE A 152 -1.72 -18.74 17.20
C ILE A 152 -3.24 -18.72 17.33
N ALA A 153 -3.91 -18.06 16.37
CA ALA A 153 -5.38 -17.99 16.32
C ALA A 153 -5.90 -19.22 15.61
N VAL A 154 -6.85 -19.91 16.22
CA VAL A 154 -7.32 -21.18 15.72
C VAL A 154 -8.84 -21.23 15.85
N PRO A 155 -9.54 -21.54 14.74
CA PRO A 155 -10.97 -21.71 14.88
C PRO A 155 -11.25 -23.01 15.64
N GLU A 156 -12.38 -23.08 16.34
CA GLU A 156 -12.70 -24.26 17.10
C GLU A 156 -12.50 -25.59 16.34
N SER A 157 -12.90 -25.62 15.07
CA SER A 157 -12.76 -26.83 14.26
C SER A 157 -11.35 -27.41 14.06
N LEU A 158 -10.31 -26.59 14.29
CA LEU A 158 -8.94 -27.00 14.08
C LEU A 158 -8.16 -27.17 15.37
N VAL A 159 -8.82 -27.06 16.52
CA VAL A 159 -8.13 -27.19 17.79
C VAL A 159 -7.43 -28.55 17.90
N ASP A 160 -8.14 -29.63 17.56
CA ASP A 160 -7.45 -30.92 17.65
C ASP A 160 -6.30 -31.07 16.68
N LYS A 161 -6.44 -30.51 15.49
CA LYS A 161 -5.36 -30.54 14.50
CA LYS A 161 -5.36 -30.53 14.50
C LYS A 161 -4.11 -29.84 15.02
N VAL A 162 -4.28 -28.66 15.67
CA VAL A 162 -3.10 -27.92 16.13
C VAL A 162 -2.47 -28.61 17.33
N LYS A 163 -3.30 -29.23 18.17
CA LYS A 163 -2.78 -30.00 19.30
CA LYS A 163 -2.77 -29.98 19.30
C LYS A 163 -1.84 -31.08 18.79
N ALA A 164 -2.21 -31.69 17.65
CA ALA A 164 -1.40 -32.75 17.07
C ALA A 164 -0.08 -32.21 16.47
N MSE A 165 -0.01 -30.89 16.21
CA MSE A 165 1.22 -30.21 15.78
C MSE A 165 2.10 -29.79 16.96
O MSE A 165 3.20 -29.20 16.78
CB MSE A 165 0.85 -29.00 14.93
CG MSE A 165 0.04 -29.31 13.68
SE MSE A 165 -0.50 -27.68 12.86
CE MSE A 165 -1.60 -28.41 11.49
N GLY A 166 1.63 -30.07 18.19
CA GLY A 166 2.37 -29.72 19.37
C GLY A 166 1.88 -28.49 20.12
N VAL A 167 0.80 -27.86 19.66
CA VAL A 167 0.29 -26.61 20.26
C VAL A 167 -0.84 -27.01 21.19
N THR A 168 -0.50 -27.31 22.44
CA THR A 168 -1.47 -28.00 23.28
C THR A 168 -2.13 -27.11 24.31
N THR A 169 -1.61 -25.93 24.60
CA THR A 169 -2.16 -25.08 25.66
C THR A 169 -3.14 -24.05 25.10
N GLU A 170 -4.37 -24.05 25.63
CA GLU A 170 -5.35 -23.02 25.32
CA GLU A 170 -5.33 -23.01 25.33
C GLU A 170 -5.02 -21.77 26.15
N LEU A 171 -4.60 -20.71 25.46
CA LEU A 171 -4.24 -19.47 26.12
C LEU A 171 -5.44 -18.63 26.44
N MSE A 172 -6.45 -18.69 25.58
CA MSE A 172 -7.67 -17.91 25.76
CA MSE A 172 -7.69 -17.97 25.81
C MSE A 172 -8.75 -18.45 24.84
O MSE A 172 -8.46 -18.93 23.75
CB MSE A 172 -7.42 -16.43 25.43
CB MSE A 172 -7.51 -16.44 25.68
CG MSE A 172 -8.59 -15.52 25.74
CG MSE A 172 -8.65 -15.63 26.25
SE MSE A 172 -8.87 -15.42 27.63
SE MSE A 172 -8.20 -13.76 26.43
CE MSE A 172 -7.43 -14.19 28.06
CE MSE A 172 -6.78 -13.89 27.77
N ASP A 173 -10.00 -18.36 25.26
CA ASP A 173 -11.17 -18.73 24.45
C ASP A 173 -11.89 -17.40 24.19
N VAL A 174 -11.85 -16.94 22.93
CA VAL A 174 -12.48 -15.65 22.61
C VAL A 174 -13.70 -15.78 21.72
N ARG A 175 -14.27 -16.98 21.66
CA ARG A 175 -15.37 -17.30 20.76
C ARG A 175 -16.59 -16.41 20.92
N SER A 176 -16.81 -15.90 22.12
CA SER A 176 -18.02 -15.12 22.43
CA SER A 176 -18.02 -15.11 22.43
C SER A 176 -17.80 -13.61 22.36
N TYR A 177 -16.56 -13.18 22.13
CA TYR A 177 -16.21 -11.75 22.20
C TYR A 177 -16.16 -11.04 20.88
N ASP A 178 -16.37 -9.73 20.93
CA ASP A 178 -16.20 -8.83 19.80
C ASP A 178 -15.08 -7.82 20.07
N GLU A 179 -14.85 -6.92 19.12
CA GLU A 179 -13.73 -6.00 19.27
C GLU A 179 -13.95 -4.94 20.35
N LYS A 180 -15.20 -4.64 20.69
CA LYS A 180 -15.48 -3.73 21.81
C LYS A 180 -15.03 -4.32 23.13
N TRP A 181 -15.27 -5.62 23.30
CA TRP A 181 -14.75 -6.34 24.47
C TRP A 181 -13.21 -6.24 24.46
N LEU A 182 -12.61 -6.49 23.31
CA LEU A 182 -11.14 -6.42 23.21
C LEU A 182 -10.61 -5.06 23.65
N TYR A 183 -11.20 -4.00 23.13
CA TYR A 183 -10.74 -2.66 23.44
C TYR A 183 -10.96 -2.31 24.92
N GLU A 184 -12.12 -2.67 25.48
CA GLU A 184 -12.39 -2.40 26.89
CA GLU A 184 -12.39 -2.39 26.89
C GLU A 184 -11.38 -3.09 27.78
N ASN A 185 -10.93 -4.27 27.39
CA ASN A 185 -10.01 -5.06 28.21
C ASN A 185 -8.56 -4.95 27.92
N TYR A 186 -8.21 -4.48 26.72
CA TYR A 186 -6.80 -4.47 26.27
C TYR A 186 -6.32 -3.17 25.64
N LYS A 187 -7.13 -2.11 25.63
CA LYS A 187 -6.69 -0.87 25.01
C LYS A 187 -5.24 -0.51 25.34
N ASP A 188 -4.87 -0.48 26.61
CA ASP A 188 -3.57 0.02 27.00
C ASP A 188 -2.41 -0.93 26.73
N GLN A 189 -2.73 -2.14 26.29
CA GLN A 189 -1.71 -3.10 25.89
CA GLN A 189 -1.73 -3.13 25.89
C GLN A 189 -1.51 -3.13 24.38
N LEU A 190 -2.39 -2.47 23.62
CA LEU A 190 -2.35 -2.50 22.17
C LEU A 190 -1.61 -1.28 21.68
N ASP A 191 -0.94 -1.41 20.54
CA ASP A 191 -0.14 -0.32 19.99
C ASP A 191 -1.01 0.89 19.70
N LYS A 192 -0.45 2.09 19.79
CA LYS A 192 -1.21 3.31 19.49
C LYS A 192 -0.64 4.09 18.33
N SER A 193 0.27 3.49 17.58
CA SER A 193 0.78 4.13 16.33
C SER A 193 0.06 3.64 15.09
N LEU A 194 -0.73 2.58 15.21
CA LEU A 194 -1.58 2.10 14.13
C LEU A 194 -2.75 1.32 14.68
N ALA A 195 -3.80 1.22 13.86
CA ALA A 195 -4.90 0.30 14.05
C ALA A 195 -5.19 -0.28 12.66
N ALA A 196 -6.02 -1.31 12.59
CA ALA A 196 -6.35 -1.95 11.33
C ALA A 196 -7.85 -2.12 11.21
N ASP A 197 -8.42 -1.58 10.12
CA ASP A 197 -9.76 -1.93 9.64
C ASP A 197 -9.65 -3.28 8.97
N MSE A 198 -10.12 -4.30 9.66
CA MSE A 198 -9.81 -5.70 9.32
CA MSE A 198 -9.83 -5.69 9.30
C MSE A 198 -11.10 -6.47 9.12
O MSE A 198 -11.83 -6.75 10.07
CB MSE A 198 -8.96 -6.31 10.44
CB MSE A 198 -8.97 -6.34 10.40
CG MSE A 198 -8.45 -7.72 10.19
CG MSE A 198 -8.33 -7.64 9.96
SE MSE A 198 -6.90 -7.84 8.96
SE MSE A 198 -7.30 -7.34 8.34
CE MSE A 198 -7.74 -8.64 7.38
CE MSE A 198 -6.84 -9.16 7.91
N LYS A 199 -11.38 -6.84 7.87
CA LYS A 199 -12.55 -7.64 7.55
C LYS A 199 -12.44 -9.02 8.16
N PRO A 200 -13.53 -9.52 8.80
CA PRO A 200 -13.43 -10.82 9.45
C PRO A 200 -13.33 -12.04 8.53
N GLU A 201 -13.54 -11.88 7.23
CA GLU A 201 -13.33 -13.02 6.35
CA GLU A 201 -13.39 -12.96 6.26
C GLU A 201 -12.13 -12.85 5.41
N ILE A 202 -11.20 -11.99 5.81
CA ILE A 202 -9.86 -12.01 5.27
C ILE A 202 -9.01 -12.80 6.26
N PHE A 203 -8.36 -13.85 5.76
CA PHE A 203 -7.71 -14.87 6.60
C PHE A 203 -6.22 -14.78 6.68
N HIS A 204 -5.56 -14.69 5.54
CA HIS A 204 -4.08 -14.73 5.54
C HIS A 204 -3.35 -13.47 5.19
N HIS A 205 -4.08 -12.41 4.85
CA HIS A 205 -3.45 -11.11 4.56
CA HIS A 205 -3.45 -11.12 4.57
C HIS A 205 -3.54 -10.23 5.79
N LEU A 206 -2.47 -9.45 6.01
CA LEU A 206 -2.41 -8.38 7.05
C LEU A 206 -2.36 -8.85 8.50
N ARG A 207 -2.99 -9.98 8.80
CA ARG A 207 -3.05 -10.44 10.19
C ARG A 207 -1.69 -10.64 10.80
N ASP A 208 -0.73 -11.07 9.98
CA ASP A 208 0.65 -11.17 10.44
C ASP A 208 1.22 -9.85 11.01
N TYR A 209 1.01 -8.78 10.28
CA TYR A 209 1.51 -7.47 10.69
C TYR A 209 0.76 -6.98 11.93
N ILE A 210 -0.54 -7.29 12.01
CA ILE A 210 -1.33 -6.94 13.19
CA ILE A 210 -1.33 -6.95 13.20
C ILE A 210 -0.78 -7.66 14.43
N THR A 211 -0.55 -8.96 14.32
CA THR A 211 -0.04 -9.76 15.44
C THR A 211 1.38 -9.34 15.82
N MSE A 212 2.20 -9.02 14.81
CA MSE A 212 3.54 -8.54 15.07
C MSE A 212 3.54 -7.31 15.98
O MSE A 212 4.37 -7.19 16.91
CB MSE A 212 4.28 -8.27 13.75
CG MSE A 212 5.72 -7.80 13.97
SE MSE A 212 6.60 -7.28 12.31
CE MSE A 212 6.40 -5.38 12.39
N THR A 213 2.67 -6.37 15.65
CA THR A 213 2.67 -5.02 16.25
C THR A 213 1.74 -4.88 17.45
N ASN A 214 0.92 -5.91 17.71
CA ASN A 214 -0.14 -5.74 18.72
C ASN A 214 -1.10 -4.60 18.37
N ALA A 215 -1.46 -4.51 17.10
CA ALA A 215 -2.40 -3.51 16.66
C ALA A 215 -3.82 -3.98 16.99
N PHE A 216 -4.69 -3.03 17.28
CA PHE A 216 -6.12 -3.29 17.40
C PHE A 216 -6.72 -3.50 16.00
N ALA A 217 -7.36 -4.64 15.78
CA ALA A 217 -8.01 -5.01 14.55
C ALA A 217 -9.53 -4.96 14.77
N PHE A 218 -10.24 -4.24 13.93
CA PHE A 218 -11.67 -4.09 14.12
C PHE A 218 -12.38 -3.96 12.80
N TYR A 219 -13.64 -4.33 12.80
CA TYR A 219 -14.54 -4.19 11.66
C TYR A 219 -15.72 -3.38 12.12
N ASP A 220 -15.81 -2.12 11.67
CA ASP A 220 -16.85 -1.17 12.11
C ASP A 220 -17.74 -0.78 10.95
N TYR A 221 -17.70 -1.53 9.84
CA TYR A 221 -18.59 -1.26 8.72
C TYR A 221 -20.00 -1.65 9.14
N ASN A 222 -20.93 -0.74 8.93
CA ASN A 222 -22.34 -1.01 9.14
C ASN A 222 -23.14 -0.38 8.00
N ALA A 223 -24.38 -0.83 7.81
CA ALA A 223 -25.25 -0.35 6.72
C ALA A 223 -25.53 1.16 6.80
N ARG A 224 -25.32 1.73 7.99
CA ARG A 224 -25.53 3.16 8.22
CA ARG A 224 -25.51 3.14 8.29
C ARG A 224 -24.31 3.98 7.82
N ARG A 225 -23.15 3.33 7.69
N ARG A 225 -23.17 3.33 7.61
CA ARG A 225 -21.86 4.02 7.61
CA ARG A 225 -21.88 4.01 7.46
C ARG A 225 -21.73 5.06 8.73
C ARG A 225 -21.67 4.99 8.62
N ASP A 226 -22.24 4.70 9.91
N ASP A 226 -22.08 4.54 9.81
CA ASP A 226 -22.14 5.53 11.11
CA ASP A 226 -21.84 5.28 11.04
C ASP A 226 -20.69 5.47 11.60
C ASP A 226 -20.46 4.85 11.55
N TRP A 227 -20.05 6.64 11.68
N TRP A 227 -19.47 5.69 11.29
CA TRP A 227 -18.61 6.70 11.87
CA TRP A 227 -18.11 5.39 11.68
C TRP A 227 -18.17 6.96 13.31
C TRP A 227 -17.73 6.04 13.03
N SER A 228 -19.09 6.90 14.27
N SER A 228 -18.73 6.40 13.85
CA SER A 228 -18.73 7.20 15.66
CA SER A 228 -18.45 7.08 15.13
C SER A 228 -17.68 6.24 16.24
C SER A 228 -17.60 6.22 16.08
N TRP A 229 -17.85 4.93 16.07
CA TRP A 229 -16.96 4.00 16.75
C TRP A 229 -15.55 4.07 16.14
N ARG A 230 -15.44 4.05 14.82
CA ARG A 230 -14.11 4.21 14.20
C ARG A 230 -13.42 5.52 14.61
N THR A 231 -14.15 6.62 14.59
CA THR A 231 -13.61 7.88 15.08
C THR A 231 -13.05 7.74 16.49
N SER A 232 -13.82 7.09 17.39
CA SER A 232 -13.40 6.91 18.76
CA SER A 232 -13.39 6.90 18.76
C SER A 232 -12.09 6.13 18.83
N ILE A 233 -11.94 5.11 17.99
CA ILE A 233 -10.69 4.34 17.95
CA ILE A 233 -10.69 4.33 17.96
C ILE A 233 -9.54 5.15 17.39
N LEU A 234 -9.77 5.80 16.27
CA LEU A 234 -8.74 6.58 15.60
C LEU A 234 -8.30 7.77 16.42
N LYS A 235 -9.24 8.44 17.12
CA LYS A 235 -8.84 9.59 17.95
CA LYS A 235 -8.95 9.55 18.03
C LYS A 235 -7.94 9.20 19.10
N ASP A 236 -7.99 7.94 19.54
CA ASP A 236 -7.16 7.45 20.63
C ASP A 236 -5.73 7.16 20.18
N LEU A 237 -5.47 7.10 18.86
CA LEU A 237 -4.10 6.86 18.36
C LEU A 237 -3.21 8.08 18.56
N ASP A 238 -1.92 7.80 18.56
CA ASP A 238 -0.91 8.83 18.67
C ASP A 238 -0.94 9.74 17.47
N LYS A 239 -0.40 10.95 17.62
CA LYS A 239 -0.25 11.82 16.48
C LYS A 239 0.62 11.12 15.42
N GLY A 240 0.25 11.30 14.17
CA GLY A 240 0.96 10.69 13.05
C GLY A 240 0.62 9.23 12.82
N ALA A 241 -0.45 8.73 13.44
CA ALA A 241 -0.78 7.31 13.35
C ALA A 241 -1.29 6.92 11.96
N TYR A 242 -1.32 5.61 11.78
CA TYR A 242 -1.81 4.96 10.57
CA TYR A 242 -1.82 5.01 10.57
C TYR A 242 -3.04 4.13 10.85
N CYS A 243 -3.85 3.98 9.83
CA CYS A 243 -4.85 2.97 9.85
C CYS A 243 -4.59 2.05 8.66
N PHE A 244 -4.26 0.80 8.96
CA PHE A 244 -3.98 -0.20 7.93
C PHE A 244 -5.34 -0.85 7.62
N GLY A 245 -5.41 -1.70 6.62
CA GLY A 245 -6.66 -2.40 6.33
C GLY A 245 -7.37 -2.00 5.04
N TYR A 246 -8.71 -2.15 5.04
CA TYR A 246 -9.53 -2.00 3.85
C TYR A 246 -9.98 -0.57 3.65
N TYR A 247 -10.38 -0.26 2.42
CA TYR A 247 -11.00 1.04 2.08
C TYR A 247 -12.25 0.88 1.23
N ASP A 248 -12.47 -0.29 0.64
CA ASP A 248 -13.42 -0.41 -0.47
C ASP A 248 -14.89 -0.38 -0.09
N LEU A 249 -15.20 -0.65 1.17
CA LEU A 249 -16.60 -0.61 1.61
C LEU A 249 -17.18 0.77 1.66
N ASP A 250 -16.34 1.79 1.85
CA ASP A 250 -16.78 3.17 1.81
C ASP A 250 -15.54 4.06 1.70
N GLU A 251 -14.98 4.14 0.50
CA GLU A 251 -13.68 4.74 0.30
C GLU A 251 -13.64 6.19 0.66
N TRP A 252 -14.46 7.01 0.03
CA TRP A 252 -14.38 8.44 0.30
C TRP A 252 -14.64 8.72 1.79
N GLY A 253 -15.63 8.04 2.34
CA GLY A 253 -16.04 8.24 3.72
C GLY A 253 -14.93 7.84 4.68
N MSE A 254 -14.28 6.71 4.42
CA MSE A 254 -13.18 6.25 5.28
CA MSE A 254 -13.21 6.29 5.35
C MSE A 254 -11.96 7.17 5.26
O MSE A 254 -11.36 7.48 6.30
CB MSE A 254 -12.80 4.82 4.89
CB MSE A 254 -12.85 4.78 5.33
CG MSE A 254 -13.89 3.86 5.33
CG MSE A 254 -12.68 4.04 4.03
SE MSE A 254 -13.45 2.02 4.97
SE MSE A 254 -13.35 2.18 4.43
CE MSE A 254 -12.44 1.66 6.61
CE MSE A 254 -12.46 1.90 6.15
N VAL A 255 -11.60 7.60 4.04
CA VAL A 255 -10.44 8.46 3.90
C VAL A 255 -10.72 9.86 4.49
N ASN A 256 -11.93 10.39 4.25
CA ASN A 256 -12.35 11.65 4.88
C ASN A 256 -12.29 11.53 6.40
N ASN A 257 -12.88 10.46 6.92
CA ASN A 257 -12.90 10.19 8.38
C ASN A 257 -11.50 10.19 8.98
N ALA A 258 -10.60 9.41 8.38
CA ALA A 258 -9.24 9.32 8.89
C ALA A 258 -8.49 10.62 8.70
N SER A 259 -8.54 11.20 7.50
CA SER A 259 -7.79 12.42 7.24
CA SER A 259 -7.75 12.41 7.28
C SER A 259 -8.18 13.60 8.14
N GLN A 260 -9.48 13.75 8.38
CA GLN A 260 -9.88 14.83 9.27
C GLN A 260 -9.26 14.70 10.64
N LEU A 261 -9.01 13.46 11.09
CA LEU A 261 -8.42 13.20 12.38
C LEU A 261 -6.88 13.22 12.36
N GLY A 262 -6.30 13.50 11.20
CA GLY A 262 -4.87 13.49 11.04
C GLY A 262 -4.27 12.09 10.92
N VAL A 263 -5.08 11.11 10.53
CA VAL A 263 -4.66 9.71 10.44
C VAL A 263 -4.50 9.31 9.00
N SER A 264 -3.41 8.61 8.74
CA SER A 264 -3.03 8.19 7.41
C SER A 264 -3.54 6.78 7.15
N MSE A 265 -4.19 6.54 6.02
CA MSE A 265 -4.60 5.19 5.62
CA MSE A 265 -4.65 5.22 5.59
C MSE A 265 -3.58 4.53 4.73
O MSE A 265 -3.03 5.14 3.81
CB MSE A 265 -5.95 5.20 4.93
CB MSE A 265 -5.94 5.32 4.78
CG MSE A 265 -7.02 5.39 5.98
CG MSE A 265 -7.10 5.94 5.57
SE MSE A 265 -8.75 5.56 5.23
SE MSE A 265 -7.76 4.71 6.92
CE MSE A 265 -8.83 3.92 4.27
CE MSE A 265 -8.59 3.43 5.69
N LEU A 266 -3.28 3.29 5.02
CA LEU A 266 -2.42 2.51 4.19
C LEU A 266 -3.16 1.27 3.77
N PRO A 267 -3.65 1.21 2.50
CA PRO A 267 -4.38 0.06 2.06
C PRO A 267 -3.50 -1.15 2.02
N THR A 268 -3.83 -2.13 2.84
CA THR A 268 -2.98 -3.26 3.12
C THR A 268 -3.70 -4.56 3.43
N ASP A 269 -5.04 -4.58 3.39
CA ASP A 269 -5.70 -5.84 3.74
C ASP A 269 -5.63 -6.93 2.70
N GLN A 270 -5.06 -6.63 1.53
CA GLN A 270 -4.78 -7.65 0.55
C GLN A 270 -3.30 -7.92 0.36
N ALA A 271 -2.49 -7.45 1.31
CA ALA A 271 -1.05 -7.65 1.32
C ALA A 271 -0.67 -8.80 2.23
N ALA A 272 0.11 -9.71 1.66
CA ALA A 272 0.69 -10.80 2.44
C ALA A 272 2.11 -10.51 2.84
N ASN A 273 2.55 -11.14 3.93
CA ASN A 273 3.95 -11.18 4.34
C ASN A 273 4.56 -9.86 4.77
N LEU A 274 3.74 -8.88 5.15
CA LEU A 274 4.33 -7.62 5.57
C LEU A 274 5.19 -7.71 6.81
N ALA A 275 4.84 -8.57 7.78
CA ALA A 275 5.68 -8.71 8.95
C ALA A 275 7.09 -9.11 8.54
N THR A 276 7.19 -10.14 7.71
CA THR A 276 8.47 -10.63 7.26
C THR A 276 9.18 -9.65 6.30
N LEU A 277 8.44 -9.12 5.32
CA LEU A 277 9.02 -8.18 4.36
C LEU A 277 9.60 -6.95 5.06
N SER A 278 8.99 -6.55 6.16
CA SER A 278 9.38 -5.38 6.91
C SER A 278 10.69 -5.60 7.64
N SER A 279 11.14 -6.85 7.72
CA SER A 279 12.27 -7.22 8.58
C SER A 279 13.63 -7.07 7.94
N ILE A 280 13.70 -6.61 6.70
CA ILE A 280 14.97 -6.26 6.09
C ILE A 280 15.28 -4.80 6.40
N TYR A 281 16.49 -4.55 6.95
CA TYR A 281 16.93 -3.21 7.38
C TYR A 281 17.92 -2.60 6.40
N ASP A 282 18.44 -3.39 5.47
CA ASP A 282 19.39 -2.93 4.47
C ASP A 282 18.60 -2.13 3.44
N THR A 283 18.92 -0.85 3.28
CA THR A 283 18.22 0.05 2.38
C THR A 283 19.04 0.38 1.13
N THR A 284 20.00 -0.46 0.80
CA THR A 284 20.70 -0.37 -0.47
C THR A 284 19.71 -0.48 -1.64
N GLY A 285 19.93 0.35 -2.64
CA GLY A 285 19.15 0.31 -3.85
C GLY A 285 17.75 0.87 -3.79
N LEU A 286 17.44 1.65 -2.74
CA LEU A 286 16.07 2.11 -2.53
C LEU A 286 15.83 3.54 -2.97
N LYS A 287 16.81 4.15 -3.63
CA LYS A 287 16.68 5.51 -4.12
C LYS A 287 16.55 5.53 -5.65
N GLN A 288 15.43 6.03 -6.13
CA GLN A 288 15.18 6.11 -7.55
C GLN A 288 16.16 7.02 -8.24
N ARG A 289 16.44 6.74 -9.50
CA ARG A 289 17.18 7.66 -10.35
C ARG A 289 16.53 9.03 -10.27
N PRO A 290 17.31 10.08 -10.45
CA PRO A 290 16.74 11.43 -10.37
C PRO A 290 15.85 11.76 -11.56
N ALA A 291 14.81 12.55 -11.30
CA ALA A 291 14.00 13.15 -12.33
C ALA A 291 14.91 14.03 -13.21
N THR A 292 14.71 13.98 -14.53
CA THR A 292 15.55 14.78 -15.40
C THR A 292 15.30 16.26 -15.21
N LYS A 293 16.35 17.05 -15.39
CA LYS A 293 16.22 18.50 -15.33
C LYS A 293 16.61 19.09 -16.67
N GLU A 294 16.82 18.25 -17.68
CA GLU A 294 17.25 18.72 -19.00
CA GLU A 294 17.27 18.70 -19.00
C GLU A 294 16.58 17.96 -20.14
N VAL A 295 15.79 18.71 -20.89
CA VAL A 295 15.06 18.19 -22.04
C VAL A 295 14.92 19.33 -23.01
N VAL A 296 15.17 19.03 -24.28
CA VAL A 296 15.01 20.00 -25.32
C VAL A 296 13.54 20.00 -25.77
N THR A 297 12.93 21.17 -25.72
CA THR A 297 11.59 21.37 -26.28
C THR A 297 11.59 21.22 -27.78
N GLU A 298 10.76 20.34 -28.31
CA GLU A 298 10.55 20.22 -29.75
C GLU A 298 9.36 21.09 -30.15
N GLU A 299 9.55 21.99 -31.11
CA GLU A 299 8.45 22.82 -31.59
C GLU A 299 7.40 22.00 -32.34
N ASN A 300 6.18 22.51 -32.30
CA ASN A 300 5.09 21.95 -33.09
C ASN A 300 4.76 20.48 -32.79
N VAL A 301 4.85 20.11 -31.50
CA VAL A 301 4.34 18.83 -31.07
C VAL A 301 3.36 19.01 -29.91
N HIS A 302 2.54 17.98 -29.72
CA HIS A 302 1.73 17.78 -28.53
C HIS A 302 2.42 16.74 -27.64
N TYR A 303 2.58 17.06 -26.35
CA TYR A 303 3.26 16.13 -25.42
C TYR A 303 2.24 15.37 -24.58
N VAL A 304 2.51 14.07 -24.42
CA VAL A 304 1.65 13.15 -23.66
C VAL A 304 2.49 12.38 -22.66
N THR A 305 1.91 12.17 -21.48
CA THR A 305 2.51 11.23 -20.53
C THR A 305 1.40 10.40 -19.92
N PHE A 306 1.74 9.18 -19.55
CA PHE A 306 0.81 8.21 -18.93
C PHE A 306 1.26 7.88 -17.52
N LEU A 307 0.32 7.84 -16.59
CA LEU A 307 0.60 7.49 -15.19
C LEU A 307 -0.41 6.45 -14.70
N VAL A 308 0.06 5.32 -14.18
CA VAL A 308 -0.78 4.21 -13.69
C VAL A 308 -1.26 4.52 -12.27
N SER A 309 -2.50 4.16 -11.99
CA SER A 309 -3.20 4.43 -10.74
C SER A 309 -2.83 3.45 -9.62
N ASP A 310 -3.41 3.73 -8.47
CA ASP A 310 -3.56 2.77 -7.36
C ASP A 310 -2.28 2.44 -6.59
N GLY A 311 -1.23 3.21 -6.81
CA GLY A 311 0.06 2.89 -6.23
C GLY A 311 0.17 3.08 -4.75
N ASP A 312 -0.80 3.79 -4.17
CA ASP A 312 -0.89 3.89 -2.73
C ASP A 312 -1.18 2.54 -2.06
N ASN A 313 -1.81 1.64 -2.81
CA ASN A 313 -2.26 0.37 -2.27
C ASN A 313 -1.09 -0.60 -2.21
N ILE A 314 -0.65 -0.94 -1.01
CA ILE A 314 0.51 -1.81 -0.85
C ILE A 314 0.23 -3.20 -1.45
N ALA A 315 -1.00 -3.65 -1.40
CA ALA A 315 -1.37 -4.93 -2.06
C ALA A 315 -1.19 -4.89 -3.55
N PHE A 316 -1.47 -3.75 -4.17
CA PHE A 316 -1.18 -3.60 -5.59
C PHE A 316 0.34 -3.64 -5.78
N ASN A 317 1.08 -2.88 -4.99
CA ASN A 317 2.54 -2.85 -5.13
C ASN A 317 3.13 -4.28 -5.03
N LEU A 318 2.56 -5.10 -4.14
CA LEU A 318 3.08 -6.44 -3.85
C LEU A 318 2.48 -7.55 -4.70
N TRP A 319 1.55 -7.23 -5.57
CA TRP A 319 0.94 -8.24 -6.43
C TRP A 319 0.68 -7.73 -7.84
N GLY A 320 -0.45 -7.08 -8.05
CA GLY A 320 -0.87 -6.69 -9.38
C GLY A 320 0.13 -5.84 -10.14
N GLN A 321 0.83 -4.94 -9.43
CA GLN A 321 1.71 -4.00 -10.05
C GLN A 321 2.94 -4.71 -10.64
N GLN A 322 3.33 -5.82 -10.06
CA GLN A 322 4.51 -6.54 -10.54
C GLN A 322 4.21 -7.13 -11.89
N GLY A 323 3.07 -7.79 -11.97
CA GLY A 323 2.58 -8.30 -13.27
C GLY A 323 2.30 -7.20 -14.27
N TYR A 324 1.79 -6.08 -13.79
CA TYR A 324 1.49 -4.95 -14.66
C TYR A 324 2.78 -4.42 -15.32
N MSE A 325 3.82 -4.22 -14.52
CA MSE A 325 5.06 -3.74 -15.03
C MSE A 325 5.71 -4.77 -16.00
O MSE A 325 6.28 -4.38 -17.01
CB MSE A 325 6.07 -3.42 -13.94
CG MSE A 325 7.27 -2.72 -14.48
SE MSE A 325 8.55 -2.42 -13.03
CE MSE A 325 9.05 -0.92 -13.64
N ASP A 326 5.66 -6.04 -15.63
CA ASP A 326 6.24 -7.12 -16.43
CA ASP A 326 6.23 -7.13 -16.39
C ASP A 326 5.36 -7.62 -17.57
N HIS A 327 4.46 -6.78 -18.05
CA HIS A 327 3.74 -7.06 -19.29
C HIS A 327 4.78 -7.30 -20.41
N ASP A 328 4.41 -8.10 -21.40
CA ASP A 328 5.37 -8.35 -22.47
CA ASP A 328 5.24 -8.35 -22.59
C ASP A 328 5.74 -7.08 -23.25
N LEU A 329 4.95 -6.00 -23.16
CA LEU A 329 5.29 -4.76 -23.85
C LEU A 329 6.26 -3.86 -23.07
N HIS A 330 6.64 -4.28 -21.87
CA HIS A 330 7.42 -3.39 -21.00
C HIS A 330 8.64 -2.86 -21.76
N GLY A 331 8.78 -1.54 -21.81
CA GLY A 331 9.92 -0.89 -22.41
C GLY A 331 9.67 -0.40 -23.83
N GLN A 332 8.53 -0.74 -24.41
CA GLN A 332 8.20 -0.26 -25.76
CA GLN A 332 8.21 -0.25 -25.76
C GLN A 332 7.72 1.18 -25.80
N PHE A 333 7.42 1.73 -24.64
CA PHE A 333 7.02 3.13 -24.48
C PHE A 333 7.31 3.53 -23.04
N PRO A 334 7.44 4.83 -22.77
CA PRO A 334 7.68 5.25 -21.41
C PRO A 334 6.39 5.26 -20.61
N LEU A 335 6.50 5.00 -19.32
CA LEU A 335 5.32 4.89 -18.46
C LEU A 335 5.64 5.31 -17.03
N GLY A 336 4.76 6.12 -16.48
CA GLY A 336 4.81 6.45 -15.08
C GLY A 336 4.00 5.46 -14.25
N TYR A 337 4.50 5.17 -13.05
CA TYR A 337 3.78 4.36 -12.08
C TYR A 337 3.67 5.09 -10.78
N THR A 338 2.52 5.03 -10.15
CA THR A 338 2.41 5.38 -8.75
C THR A 338 2.88 4.18 -7.88
N ILE A 339 3.45 4.48 -6.72
CA ILE A 339 3.87 3.48 -5.79
C ILE A 339 3.87 4.09 -4.41
N SER A 340 3.86 3.28 -3.38
CA SER A 340 3.81 3.80 -2.02
C SER A 340 5.21 4.04 -1.48
N PRO A 341 5.52 5.27 -1.03
CA PRO A 341 6.75 5.49 -0.32
C PRO A 341 6.93 4.58 0.90
N SER A 342 5.82 4.17 1.51
CA SER A 342 5.89 3.27 2.65
C SER A 342 6.47 1.89 2.33
N LEU A 343 6.59 1.52 1.06
CA LEU A 343 7.27 0.28 0.69
C LEU A 343 8.74 0.31 1.18
N TYR A 344 9.30 1.50 1.32
CA TYR A 344 10.68 1.65 1.78
C TYR A 344 10.88 0.96 3.11
N ASP A 345 9.91 1.12 4.02
CA ASP A 345 9.96 0.50 5.33
C ASP A 345 9.34 -0.90 5.37
N LEU A 346 8.22 -1.10 4.67
CA LEU A 346 7.41 -2.29 4.82
C LEU A 346 7.82 -3.44 3.91
N ALA A 347 8.41 -3.13 2.76
CA ALA A 347 8.81 -4.15 1.80
C ALA A 347 9.97 -3.66 0.94
N PRO A 348 11.13 -3.39 1.58
CA PRO A 348 12.26 -2.85 0.81
C PRO A 348 12.70 -3.78 -0.32
N ALA A 349 12.60 -5.09 -0.14
CA ALA A 349 13.01 -5.97 -1.25
C ALA A 349 12.19 -5.73 -2.51
N ALA A 350 10.90 -5.42 -2.33
CA ALA A 350 10.02 -5.12 -3.48
C ALA A 350 10.35 -3.75 -4.09
N LEU A 351 10.53 -2.71 -3.29
CA LEU A 351 10.92 -1.41 -3.84
C LEU A 351 12.21 -1.51 -4.62
N ARG A 352 13.16 -2.24 -4.06
CA ARG A 352 14.42 -2.46 -4.74
C ARG A 352 14.23 -3.10 -6.10
N TRP A 353 13.36 -4.10 -6.14
CA TRP A 353 13.07 -4.81 -7.37
C TRP A 353 12.49 -3.84 -8.42
N TYR A 354 11.56 -3.00 -8.00
CA TYR A 354 10.98 -2.06 -8.95
C TYR A 354 12.03 -1.16 -9.61
N TYR A 355 12.95 -0.65 -8.79
CA TYR A 355 13.94 0.26 -9.29
C TYR A 355 14.95 -0.51 -10.17
N GLU A 356 15.29 -1.72 -9.79
CA GLU A 356 16.23 -2.53 -10.57
C GLU A 356 15.63 -2.98 -11.90
N ASN A 357 14.30 -3.19 -11.94
CA ASN A 357 13.53 -3.67 -13.10
CA ASN A 357 13.71 -3.69 -13.14
C ASN A 357 13.12 -2.54 -14.01
N SER A 358 13.32 -1.30 -13.56
CA SER A 358 12.86 -0.17 -14.34
CA SER A 358 12.92 -0.11 -14.31
C SER A 358 13.70 -0.01 -15.60
N LYS A 359 13.03 0.37 -16.66
CA LYS A 359 13.64 0.77 -17.91
C LYS A 359 13.79 2.28 -17.93
N GLU A 360 14.59 2.81 -18.85
CA GLU A 360 14.93 4.22 -18.81
CA GLU A 360 14.95 4.22 -18.83
C GLU A 360 13.73 5.15 -18.84
N GLY A 361 12.68 4.77 -19.55
CA GLY A 361 11.50 5.60 -19.66
C GLY A 361 10.43 5.34 -18.59
N ASP A 362 10.70 4.40 -17.69
CA ASP A 362 9.84 4.24 -16.53
C ASP A 362 10.19 5.27 -15.48
N TYR A 363 9.21 5.69 -14.71
CA TYR A 363 9.43 6.59 -13.62
C TYR A 363 8.33 6.41 -12.57
N PHE A 364 8.73 6.40 -11.31
CA PHE A 364 7.82 6.16 -10.19
C PHE A 364 7.52 7.48 -9.46
N VAL A 365 6.25 7.65 -9.12
CA VAL A 365 5.61 8.80 -8.47
C VAL A 365 5.01 8.31 -7.16
N ALA A 366 5.11 9.10 -6.11
CA ALA A 366 4.42 8.77 -4.87
C ALA A 366 2.92 8.70 -5.13
N GLY A 367 2.28 7.65 -4.67
CA GLY A 367 0.87 7.47 -4.87
C GLY A 367 0.02 8.36 -3.98
N PRO A 368 -1.31 8.33 -4.21
CA PRO A 368 -2.20 9.15 -3.40
C PRO A 368 -1.92 9.03 -1.93
N SER A 369 -1.78 10.10 -1.15
CA SER A 369 -1.40 11.45 -1.60
C SER A 369 -0.11 11.83 -0.87
N GLY A 370 0.90 10.97 -1.04
CA GLY A 370 2.11 11.09 -0.29
C GLY A 370 2.56 9.70 0.11
N SER A 371 2.87 9.51 1.38
CA SER A 371 3.41 8.24 1.88
C SER A 371 2.30 7.28 2.29
N SER A 372 1.07 7.73 2.13
CA SER A 372 -0.11 7.03 2.53
C SER A 372 -1.29 7.76 1.88
N TYR A 373 -2.44 7.14 1.94
CA TYR A 373 -3.65 7.67 1.31
C TYR A 373 -4.33 8.63 2.33
N ILE A 374 -4.29 9.91 1.98
CA ILE A 374 -4.95 10.96 2.71
C ILE A 374 -5.64 11.87 1.67
N PHE A 375 -6.63 12.62 2.15
CA PHE A 375 -7.12 13.79 1.44
C PHE A 375 -6.53 14.98 2.17
N PRO A 376 -5.46 15.57 1.61
CA PRO A 376 -4.85 16.68 2.36
C PRO A 376 -5.76 17.86 2.61
N SER A 377 -6.76 18.04 1.77
CA SER A 377 -7.69 19.15 1.94
C SER A 377 -8.55 19.00 3.19
N LYS A 378 -8.61 17.80 3.77
CA LYS A 378 -9.42 17.54 4.96
C LYS A 378 -8.67 17.59 6.28
N MSE A 379 -7.36 17.65 6.23
CA MSE A 379 -6.53 17.67 7.44
C MSE A 379 -6.47 19.07 8.01
O MSE A 379 -6.54 20.05 7.26
CB MSE A 379 -5.11 17.29 7.13
CG MSE A 379 -4.87 15.86 6.98
SE MSE A 379 -2.99 15.30 7.43
CE MSE A 379 -3.37 13.37 7.17
N SER A 380 -6.26 19.18 9.31
CA SER A 380 -5.99 20.49 9.88
C SER A 380 -4.67 21.01 9.38
N ASP A 381 -4.49 22.32 9.41
CA ASP A 381 -3.25 22.93 8.95
C ASP A 381 -2.04 22.33 9.65
N ALA A 382 -2.11 22.15 10.97
CA ALA A 382 -0.99 21.63 11.74
C ALA A 382 -0.70 20.18 11.39
N ASP A 383 -1.77 19.40 11.21
CA ASP A 383 -1.59 17.98 10.89
C ASP A 383 -1.00 17.84 9.49
N LEU A 384 -1.49 18.64 8.53
CA LEU A 384 -0.92 18.56 7.17
C LEU A 384 0.54 19.04 7.22
N ASP A 385 0.85 20.09 7.99
CA ASP A 385 2.27 20.53 8.09
C ASP A 385 3.17 19.41 8.59
N ASP A 386 2.72 18.71 9.61
CA ASP A 386 3.47 17.58 10.18
CA ASP A 386 3.49 17.59 10.17
C ASP A 386 3.64 16.46 9.15
N TYR A 387 2.55 16.12 8.47
CA TYR A 387 2.53 15.08 7.45
C TYR A 387 3.54 15.39 6.33
N LEU A 388 3.53 16.64 5.89
CA LEU A 388 4.39 17.06 4.78
C LEU A 388 5.86 17.15 5.17
N ALA A 389 6.16 17.55 6.40
CA ALA A 389 7.56 17.56 6.86
C ALA A 389 8.13 16.14 6.87
N LYS A 390 7.34 15.18 7.32
CA LYS A 390 7.76 13.79 7.26
C LYS A 390 7.87 13.30 5.82
N LEU A 391 6.86 13.61 4.99
CA LEU A 391 6.89 13.20 3.61
C LEU A 391 8.14 13.70 2.91
N ASN A 392 8.45 14.96 3.13
CA ASN A 392 9.63 15.56 2.52
C ASN A 392 10.92 14.78 2.80
N GLU A 393 11.08 14.34 4.04
CA GLU A 393 12.29 13.59 4.37
C GLU A 393 12.19 12.19 3.76
N TYR A 394 11.00 11.60 3.82
CA TYR A 394 10.88 10.20 3.41
C TYR A 394 11.09 10.02 1.90
N VAL A 395 10.60 10.95 1.09
CA VAL A 395 10.81 10.83 -0.35
C VAL A 395 12.22 11.15 -0.78
N ASP A 396 12.98 11.84 0.07
CA ASP A 396 14.40 11.97 -0.22
C ASP A 396 15.06 10.59 -0.22
N LYS A 397 14.63 9.71 0.67
CA LYS A 397 15.23 8.40 0.78
C LYS A 397 14.89 7.51 -0.42
N SER A 398 13.64 7.55 -0.85
CA SER A 398 13.20 6.71 -1.96
C SER A 398 13.31 7.35 -3.33
N GLY A 399 13.58 8.65 -3.38
CA GLY A 399 13.61 9.38 -4.67
C GLY A 399 12.25 9.47 -5.32
N LEU A 400 11.20 9.49 -4.51
CA LEU A 400 9.81 9.66 -5.00
C LEU A 400 9.41 11.13 -4.90
N ASN A 401 10.16 11.99 -5.63
CA ASN A 401 10.03 13.44 -5.53
C ASN A 401 8.79 14.02 -6.17
N ILE A 402 8.16 13.26 -7.07
CA ILE A 402 6.94 13.70 -7.72
C ILE A 402 5.80 12.97 -7.05
N CYS A 403 4.70 13.69 -6.77
CA CYS A 403 3.62 13.13 -5.97
C CYS A 403 2.27 13.19 -6.72
N ASN A 404 1.46 12.15 -6.61
CA ASN A 404 0.08 12.14 -7.06
C ASN A 404 -0.85 12.48 -5.90
N ILE A 405 -1.64 13.52 -6.03
CA ILE A 405 -2.65 13.80 -5.05
C ILE A 405 -4.02 13.35 -5.63
N LEU A 406 -4.73 12.55 -4.82
CA LEU A 406 -6.13 12.19 -5.07
C LEU A 406 -6.97 12.85 -3.97
N ASP A 407 -7.80 13.81 -4.38
CA ASP A 407 -8.56 14.62 -3.42
C ASP A 407 -9.59 15.36 -4.30
N GLN A 408 -10.21 16.39 -3.77
CA GLN A 408 -11.19 17.17 -4.52
C GLN A 408 -10.86 18.66 -4.47
N LYS A 409 -11.11 19.35 -5.59
CA LYS A 409 -11.01 20.80 -5.73
C LYS A 409 -9.61 21.33 -5.58
N ILE A 410 -8.60 20.49 -5.82
CA ILE A 410 -7.24 20.90 -5.53
C ILE A 410 -6.77 22.01 -6.43
N MSE A 411 -7.25 22.06 -7.67
CA MSE A 411 -6.81 23.11 -8.56
C MSE A 411 -7.27 24.48 -8.07
O MSE A 411 -6.74 25.48 -8.53
CB MSE A 411 -7.27 22.88 -9.99
CG MSE A 411 -6.78 21.55 -10.58
SE MSE A 411 -4.91 21.14 -10.31
CE MSE A 411 -4.22 22.47 -11.47
N ASP A 412 -8.25 24.51 -7.15
CA ASP A 412 -8.69 25.73 -6.51
C ASP A 412 -8.27 25.80 -5.05
N ASN A 413 -7.22 25.05 -4.70
CA ASN A 413 -6.70 25.01 -3.33
C ASN A 413 -5.21 25.29 -3.28
N PRO A 414 -4.84 26.54 -3.58
CA PRO A 414 -3.41 26.86 -3.56
C PRO A 414 -2.81 26.68 -2.18
N LYS A 415 -3.60 26.82 -1.12
CA LYS A 415 -3.03 26.58 0.21
C LYS A 415 -2.40 25.18 0.25
N VAL A 416 -3.14 24.17 -0.20
CA VAL A 416 -2.68 22.80 -0.13
C VAL A 416 -1.56 22.56 -1.13
N TYR A 417 -1.73 22.93 -2.40
CA TYR A 417 -0.65 22.61 -3.34
C TYR A 417 0.64 23.40 -3.07
N ASN A 418 0.53 24.62 -2.58
CA ASN A 418 1.72 25.35 -2.17
C ASN A 418 2.39 24.70 -0.98
N LYS A 419 1.64 24.13 -0.03
CA LYS A 419 2.30 23.49 1.12
CA LYS A 419 2.27 23.47 1.13
C LYS A 419 3.08 22.27 0.66
N TYR A 420 2.52 21.47 -0.26
CA TYR A 420 3.28 20.33 -0.78
C TYR A 420 4.55 20.83 -1.46
N LEU A 421 4.39 21.79 -2.35
CA LEU A 421 5.50 22.18 -3.23
C LEU A 421 6.50 23.11 -2.56
N ALA A 422 6.15 23.64 -1.38
CA ALA A 422 7.13 24.34 -0.54
C ALA A 422 8.22 23.40 -0.02
N GLN A 423 7.92 22.10 0.07
CA GLN A 423 8.89 21.14 0.56
C GLN A 423 10.01 20.98 -0.46
N PRO A 424 11.27 21.02 0.00
CA PRO A 424 12.35 21.05 -0.97
C PRO A 424 12.47 19.81 -1.84
N ASN A 425 11.97 18.67 -1.35
CA ASN A 425 12.10 17.39 -2.02
C ASN A 425 10.86 16.99 -2.78
N ILE A 426 9.86 17.86 -2.83
CA ILE A 426 8.63 17.53 -3.56
C ILE A 426 8.62 18.49 -4.77
N ASP A 427 8.75 17.93 -5.96
CA ASP A 427 9.02 18.79 -7.08
CA ASP A 427 9.09 18.62 -7.23
C ASP A 427 7.87 19.05 -8.04
N ALA A 428 6.80 18.27 -7.98
CA ALA A 428 5.64 18.45 -8.83
C ALA A 428 4.50 17.59 -8.29
N ILE A 429 3.28 18.01 -8.64
CA ILE A 429 2.07 17.24 -8.34
CA ILE A 429 2.06 17.27 -8.33
C ILE A 429 1.37 16.86 -9.63
N PHE A 430 0.99 15.57 -9.70
CA PHE A 430 0.04 15.12 -10.67
C PHE A 430 -1.25 14.96 -9.91
N TYR A 431 -2.26 15.71 -10.32
CA TYR A 431 -3.55 15.76 -9.62
C TYR A 431 -4.62 14.99 -10.37
N THR A 432 -5.19 14.01 -9.68
CA THR A 432 -6.32 13.22 -10.15
C THR A 432 -7.46 13.44 -9.17
N GLY A 433 -8.50 14.13 -9.62
CA GLY A 433 -9.61 14.47 -8.73
C GLY A 433 -10.55 13.30 -8.48
N TYR A 434 -10.92 13.11 -7.22
CA TYR A 434 -11.82 12.05 -6.80
C TYR A 434 -13.21 12.40 -7.36
N GLY A 435 -13.67 11.57 -8.29
CA GLY A 435 -14.91 11.84 -8.96
C GLY A 435 -14.93 13.06 -9.84
N GLU A 436 -13.77 13.53 -10.30
CA GLU A 436 -13.69 14.72 -11.13
C GLU A 436 -13.23 14.33 -12.50
N LYS A 437 -13.79 14.97 -13.52
CA LYS A 437 -13.47 14.57 -14.88
CA LYS A 437 -13.48 14.62 -14.90
C LYS A 437 -11.99 14.78 -15.20
N GLY A 438 -11.46 15.94 -14.84
CA GLY A 438 -10.09 16.35 -15.16
C GLY A 438 -10.05 17.21 -16.40
N ASP A 439 -9.73 18.47 -16.21
CA ASP A 439 -9.79 19.47 -17.28
C ASP A 439 -8.39 19.83 -17.84
N GLY A 440 -7.32 19.18 -17.36
CA GLY A 440 -5.98 19.45 -17.86
C GLY A 440 -5.39 20.78 -17.46
N ARG A 441 -5.88 21.41 -16.39
CA ARG A 441 -5.30 22.65 -15.96
C ARG A 441 -3.89 22.41 -15.48
N ILE A 442 -3.04 23.41 -15.68
CA ILE A 442 -1.66 23.40 -15.18
C ILE A 442 -1.46 24.70 -14.45
N LYS A 443 -1.21 24.61 -13.14
CA LYS A 443 -0.93 25.78 -12.31
C LYS A 443 0.44 25.62 -11.66
N PHE A 444 0.97 26.72 -11.14
CA PHE A 444 2.29 26.73 -10.54
C PHE A 444 2.20 27.23 -9.12
N SER A 445 2.96 26.59 -8.26
CA SER A 445 3.10 27.04 -6.90
C SER A 445 3.83 28.37 -6.92
N ASP A 446 3.83 29.01 -5.77
CA ASP A 446 4.53 30.30 -5.64
C ASP A 446 6.03 30.18 -5.92
N ASN A 447 6.60 29.02 -5.62
CA ASN A 447 8.00 28.78 -5.91
C ASN A 447 8.28 28.10 -7.26
N GLY A 448 7.28 28.12 -8.15
CA GLY A 448 7.55 27.79 -9.55
C GLY A 448 7.48 26.31 -9.96
N LYS A 449 6.84 25.49 -9.14
CA LYS A 449 6.72 24.04 -9.43
C LYS A 449 5.32 23.72 -9.95
N PRO A 450 5.20 22.76 -10.86
CA PRO A 450 3.90 22.55 -11.50
C PRO A 450 2.93 21.63 -10.75
N VAL A 451 1.65 21.97 -10.88
CA VAL A 451 0.52 21.16 -10.48
C VAL A 451 -0.26 20.84 -11.75
N ILE A 452 -0.28 19.56 -12.11
CA ILE A 452 -0.69 19.08 -13.43
C ILE A 452 -1.94 18.22 -13.23
N GLU A 453 -3.10 18.73 -13.70
CA GLU A 453 -4.37 18.06 -13.59
C GLU A 453 -4.55 17.05 -14.73
N GLN A 454 -5.13 15.89 -14.41
CA GLN A 454 -5.55 14.90 -15.38
CA GLN A 454 -5.42 14.93 -15.45
C GLN A 454 -6.27 15.57 -16.54
N ARG A 455 -5.99 15.13 -17.77
CA ARG A 455 -6.66 15.67 -18.95
C ARG A 455 -7.35 14.62 -19.80
N SER A 456 -6.87 13.39 -19.75
CA SER A 456 -7.61 12.24 -20.28
C SER A 456 -7.44 11.10 -19.30
N VAL A 457 -8.26 10.08 -19.47
CA VAL A 457 -8.23 8.93 -18.61
C VAL A 457 -8.48 7.69 -19.42
N LEU A 458 -7.76 6.62 -19.10
CA LEU A 458 -7.94 5.33 -19.72
CA LEU A 458 -7.95 5.28 -19.69
C LEU A 458 -8.52 4.42 -18.60
N TRP A 459 -9.80 4.07 -18.72
CA TRP A 459 -10.54 3.46 -17.62
C TRP A 459 -11.79 2.88 -18.23
N GLU A 460 -11.98 1.55 -18.14
CA GLU A 460 -13.15 0.95 -18.76
C GLU A 460 -14.41 1.27 -18.01
N GLY A 461 -15.41 1.76 -18.74
CA GLY A 461 -16.74 2.03 -18.16
C GLY A 461 -16.75 3.06 -17.05
N ILE A 462 -15.82 4.01 -17.10
CA ILE A 462 -15.74 5.02 -16.05
C ILE A 462 -17.09 5.73 -15.85
N ASP A 463 -17.38 6.11 -14.61
CA ASP A 463 -18.58 6.84 -14.25
C ASP A 463 -19.85 6.06 -14.54
N GLY A 464 -19.77 4.75 -14.34
CA GLY A 464 -20.96 3.91 -14.41
C GLY A 464 -21.37 3.59 -15.83
N GLY A 465 -20.39 3.46 -16.74
CA GLY A 465 -20.60 3.00 -18.10
C GLY A 465 -20.47 3.98 -19.22
N SER A 466 -19.72 5.05 -18.98
CA SER A 466 -19.43 5.97 -20.05
CA SER A 466 -19.33 6.00 -19.98
C SER A 466 -18.34 5.44 -20.96
N ASN A 467 -18.15 6.17 -22.06
CA ASN A 467 -17.07 5.82 -22.98
CA ASN A 467 -17.16 5.93 -23.10
C ASN A 467 -15.92 6.81 -22.90
N ARG A 468 -15.90 7.65 -21.88
CA ARG A 468 -14.85 8.69 -21.75
C ARG A 468 -13.44 8.14 -21.55
N GLY A 469 -13.33 6.95 -20.99
CA GLY A 469 -12.07 6.31 -20.68
C GLY A 469 -11.64 5.22 -21.67
N GLU A 470 -12.32 5.13 -22.81
CA GLU A 470 -11.97 4.12 -23.80
CA GLU A 470 -11.99 4.13 -23.80
C GLU A 470 -10.82 4.61 -24.66
N GLU A 471 -10.03 3.66 -25.15
CA GLU A 471 -8.90 3.94 -26.03
C GLU A 471 -9.26 4.89 -27.17
N SER A 472 -10.37 4.62 -27.83
CA SER A 472 -10.78 5.44 -28.98
CA SER A 472 -10.83 5.44 -28.97
C SER A 472 -11.06 6.89 -28.59
N THR A 473 -11.62 7.11 -27.41
CA THR A 473 -11.86 8.43 -26.91
C THR A 473 -10.55 9.13 -26.58
N VAL A 474 -9.62 8.43 -25.92
CA VAL A 474 -8.34 9.07 -25.57
C VAL A 474 -7.53 9.42 -26.85
N ILE A 475 -7.53 8.55 -27.82
CA ILE A 475 -6.88 8.85 -29.11
C ILE A 475 -7.48 10.13 -29.74
N SER A 476 -8.80 10.15 -29.84
CA SER A 476 -9.52 11.30 -30.42
CA SER A 476 -9.47 11.29 -30.45
CA SER A 476 -9.47 11.30 -30.44
C SER A 476 -9.19 12.57 -29.67
N GLN A 477 -9.20 12.49 -28.35
CA GLN A 477 -8.91 13.66 -27.52
C GLN A 477 -7.51 14.19 -27.78
N ILE A 478 -6.52 13.32 -27.67
CA ILE A 478 -5.14 13.76 -27.80
C ILE A 478 -4.96 14.36 -29.21
N ASN A 479 -5.47 13.68 -30.24
CA ASN A 479 -5.24 14.09 -31.61
C ASN A 479 -5.93 15.38 -31.96
N SER A 480 -6.93 15.78 -31.16
CA SER A 480 -7.64 17.05 -31.35
C SER A 480 -6.99 18.28 -30.73
N ARG A 481 -6.00 18.06 -29.86
CA ARG A 481 -5.43 19.13 -29.09
C ARG A 481 -4.23 19.78 -29.81
N SER A 482 -3.90 20.99 -29.42
CA SER A 482 -2.91 21.72 -30.22
C SER A 482 -1.50 21.24 -29.97
N ALA A 483 -0.69 21.28 -31.02
CA ALA A 483 0.70 20.88 -31.01
C ALA A 483 1.52 22.13 -30.68
N ASN A 484 1.32 22.65 -29.47
CA ASN A 484 1.95 23.88 -29.05
C ASN A 484 2.52 23.73 -27.64
N PRO A 485 3.82 23.48 -27.52
CA PRO A 485 4.37 23.25 -26.18
C PRO A 485 4.51 24.52 -25.35
N HIS A 486 4.19 25.68 -25.94
CA HIS A 486 4.24 26.94 -25.19
C HIS A 486 2.90 27.31 -24.60
N SER A 487 1.96 26.37 -24.64
CA SER A 487 0.64 26.51 -24.05
C SER A 487 0.31 25.26 -23.24
N ALA A 488 -0.48 25.43 -22.18
CA ALA A 488 -1.01 24.26 -21.46
C ALA A 488 -1.80 23.35 -22.39
N ASP A 489 -2.43 23.92 -23.42
CA ASP A 489 -3.16 23.14 -24.42
CA ASP A 489 -3.17 23.13 -24.38
C ASP A 489 -2.30 22.11 -25.11
N GLY A 490 -0.97 22.32 -25.11
CA GLY A 490 -0.05 21.40 -25.76
C GLY A 490 0.32 20.16 -24.98
N TYR A 491 -0.29 19.92 -23.82
CA TYR A 491 0.09 18.84 -22.92
C TYR A 491 -1.13 18.00 -22.53
N THR A 492 -0.98 16.66 -22.58
CA THR A 492 -1.97 15.75 -22.05
C THR A 492 -1.33 14.77 -21.04
N PHE A 493 -1.75 14.93 -19.78
CA PHE A 493 -1.54 13.93 -18.74
C PHE A 493 -2.70 12.94 -18.80
N VAL A 494 -2.38 11.70 -19.19
CA VAL A 494 -3.33 10.59 -19.21
C VAL A 494 -3.15 9.77 -17.93
N PHE A 495 -4.24 9.61 -17.18
CA PHE A 495 -4.25 8.76 -15.99
C PHE A 495 -4.79 7.39 -16.39
N VAL A 496 -4.13 6.32 -15.95
CA VAL A 496 -4.45 4.98 -16.43
C VAL A 496 -4.94 4.13 -15.24
N HIS A 497 -6.18 3.67 -15.33
CA HIS A 497 -6.78 2.82 -14.32
C HIS A 497 -6.21 1.42 -14.37
N CYS A 498 -5.45 1.05 -13.35
CA CYS A 498 -4.66 -0.17 -13.44
C CYS A 498 -5.52 -1.43 -13.59
N TRP A 499 -6.71 -1.43 -13.02
CA TRP A 499 -7.50 -2.66 -12.97
C TRP A 499 -8.17 -2.98 -14.27
N THR A 500 -8.47 -1.94 -15.08
CA THR A 500 -9.15 -2.14 -16.34
C THR A 500 -8.28 -1.94 -17.61
N LYS A 501 -7.13 -1.26 -17.47
CA LYS A 501 -6.31 -0.87 -18.64
C LYS A 501 -4.87 -1.16 -18.36
N ASN A 502 -4.27 -2.01 -19.20
CA ASN A 502 -2.91 -2.47 -18.99
C ASN A 502 -1.98 -1.89 -20.06
N GLN A 503 -0.75 -2.39 -20.12
CA GLN A 503 0.19 -1.85 -21.09
C GLN A 503 -0.28 -2.00 -22.52
N GLN A 504 -1.04 -3.03 -22.83
CA GLN A 504 -1.56 -3.17 -24.20
CA GLN A 504 -1.59 -3.20 -24.19
C GLN A 504 -2.59 -2.08 -24.49
N SER A 505 -3.40 -1.72 -23.49
CA SER A 505 -4.38 -0.66 -23.69
C SER A 505 -3.67 0.66 -23.99
N ILE A 506 -2.58 0.91 -23.28
CA ILE A 506 -1.78 2.11 -23.48
C ILE A 506 -1.16 2.10 -24.86
N LYS A 507 -0.58 0.96 -25.26
CA LYS A 507 0.02 0.85 -26.59
C LYS A 507 -1.00 1.10 -27.71
N THR A 508 -2.23 0.63 -27.50
CA THR A 508 -3.30 0.87 -28.45
C THR A 508 -3.49 2.37 -28.65
N VAL A 509 -3.55 3.14 -27.56
CA VAL A 509 -3.65 4.58 -27.65
C VAL A 509 -2.47 5.16 -28.43
N ILE A 510 -1.26 4.79 -27.99
CA ILE A 510 -0.05 5.32 -28.60
C ILE A 510 -0.03 5.07 -30.13
N ASP A 511 -0.45 3.88 -30.54
CA ASP A 511 -0.43 3.49 -31.95
C ASP A 511 -1.41 4.28 -32.80
N GLY A 512 -2.42 4.87 -32.17
CA GLY A 512 -3.35 5.75 -32.85
C GLY A 512 -3.03 7.23 -32.89
N LEU A 513 -1.95 7.66 -32.24
CA LEU A 513 -1.66 9.06 -32.16
C LEU A 513 -0.98 9.60 -33.42
N ASN A 514 -1.26 10.86 -33.69
CA ASN A 514 -0.74 11.56 -34.86
C ASN A 514 0.77 11.67 -34.76
N ASP A 515 1.39 11.90 -35.92
CA ASP A 515 2.85 11.96 -36.08
CA ASP A 515 2.86 11.88 -35.97
C ASP A 515 3.48 13.10 -35.30
N ASN A 516 2.71 14.12 -34.96
CA ASN A 516 3.23 15.27 -34.21
C ASN A 516 2.99 15.16 -32.69
N VAL A 517 2.62 13.97 -32.24
CA VAL A 517 2.42 13.72 -30.83
C VAL A 517 3.67 12.97 -30.26
N ARG A 518 4.15 13.43 -29.11
CA ARG A 518 5.33 12.86 -28.47
C ARG A 518 4.93 12.34 -27.08
N VAL A 519 5.13 11.03 -26.91
CA VAL A 519 4.88 10.35 -25.65
C VAL A 519 6.21 10.33 -24.88
N VAL A 520 6.20 10.86 -23.66
CA VAL A 520 7.43 11.08 -22.90
C VAL A 520 7.29 10.52 -21.49
N PRO A 521 8.43 10.23 -20.84
CA PRO A 521 8.35 9.79 -19.45
C PRO A 521 7.85 10.95 -18.59
N VAL A 522 7.31 10.59 -17.45
CA VAL A 522 6.70 11.55 -16.55
C VAL A 522 7.64 12.65 -16.12
N ASP A 523 8.90 12.32 -15.84
CA ASP A 523 9.82 13.33 -15.41
C ASP A 523 10.17 14.31 -16.52
N GLN A 524 10.27 13.81 -17.76
CA GLN A 524 10.44 14.70 -18.88
C GLN A 524 9.26 15.63 -19.05
N PHE A 525 8.05 15.10 -18.90
CA PHE A 525 6.82 15.89 -19.03
C PHE A 525 6.86 17.04 -18.02
N VAL A 526 7.25 16.77 -16.78
CA VAL A 526 7.34 17.79 -15.74
C VAL A 526 8.34 18.87 -16.10
N GLN A 527 9.49 18.47 -16.60
CA GLN A 527 10.51 19.48 -16.97
C GLN A 527 10.05 20.31 -18.19
N LEU A 528 9.41 19.68 -19.16
CA LEU A 528 8.89 20.43 -20.32
C LEU A 528 7.87 21.46 -19.86
N VAL A 529 6.94 21.03 -18.99
CA VAL A 529 5.93 21.93 -18.47
C VAL A 529 6.58 23.09 -17.71
N LYS A 530 7.56 22.78 -16.88
CA LYS A 530 8.20 23.78 -16.05
C LYS A 530 8.91 24.81 -16.92
N GLN A 531 9.67 24.35 -17.89
CA GLN A 531 10.50 25.28 -18.69
C GLN A 531 9.71 26.03 -19.74
N ASN A 532 8.64 25.45 -20.24
CA ASN A 532 7.79 26.14 -21.22
C ASN A 532 6.68 27.00 -20.65
N LEU A 533 6.13 26.63 -19.48
CA LEU A 533 4.96 27.29 -18.92
C LEU A 533 5.16 27.96 -17.55
N GLY A 534 6.27 27.67 -16.86
CA GLY A 534 6.48 28.19 -15.52
C GLY A 534 7.10 29.58 -15.57
N PRO A 535 7.36 30.18 -14.40
CA PRO A 535 8.04 31.49 -14.37
C PRO A 535 9.37 31.50 -15.13
N LYS A 536 9.65 32.60 -15.83
CA LYS A 536 10.86 32.73 -16.64
C LYS A 536 12.00 33.39 -15.85
C1 GOL B . -7.26 3.77 -3.64
O1 GOL B . -6.27 2.87 -3.10
C2 GOL B . -7.07 4.19 -5.10
O2 GOL B . -5.82 4.87 -5.37
C3 GOL B . -8.24 5.08 -5.58
O3 GOL B . -9.47 4.33 -5.48
C1 GOL C . -15.85 1.79 -12.38
O1 GOL C . -14.59 2.16 -11.88
C2 GOL C . -15.77 1.36 -13.85
O2 GOL C . -14.68 0.47 -14.07
C3 GOL C . -17.07 0.62 -14.17
O3 GOL C . -18.22 1.37 -13.85
C1 GOL D . 23.00 -6.86 -2.72
O1 GOL D . 23.36 -8.18 -3.08
C2 GOL D . 23.92 -6.27 -1.66
O2 GOL D . 24.30 -4.98 -2.10
C3 GOL D . 23.28 -6.14 -0.28
O3 GOL D . 22.24 -5.17 -0.32
C1 GOL E . -8.25 22.54 5.51
O1 GOL E . -7.19 22.88 4.66
C2 GOL E . -7.93 23.09 6.90
O2 GOL E . -7.94 24.50 6.83
C3 GOL E . -8.94 22.59 7.95
O3 GOL E . -9.51 21.35 7.57
C1 GOL F . 19.62 -5.17 14.80
O1 GOL F . 19.06 -6.21 14.01
C2 GOL F . 18.71 -3.95 14.71
O2 GOL F . 19.29 -2.89 15.44
C3 GOL F . 18.45 -3.61 13.24
O3 GOL F . 19.64 -3.55 12.49
#